data_5KGJ
#
_entry.id   5KGJ
#
_cell.length_a   119.076
_cell.length_b   43.840
_cell.length_c   74.169
_cell.angle_alpha   90.00
_cell.angle_beta   120.81
_cell.angle_gamma   90.00
#
_symmetry.space_group_name_H-M   'C 1 2 1'
#
loop_
_entity.id
_entity.type
_entity.pdbx_description
1 polymer 'Predicted acetyltransferase'
2 non-polymer 'COENZYME A'
3 non-polymer 2-amino-2-deoxy-alpha-D-galactopyranose
4 non-polymer 'ACETYL COENZYME *A'
5 non-polymer 1,2-ETHANEDIOL
6 non-polymer '3-[4-(2-HYDROXYETHYL)PIPERAZIN-1-YL]PROPANE-1-SULFONIC ACID'
7 water water
#
_entity_poly.entity_id   1
_entity_poly.type   'polypeptide(L)'
_entity_poly.pdbx_seq_one_letter_code
;MEIKETYDFSSIVDLWNKNIGTVYPMNLELFKQNYINDRQRKKIMGAFNGEILIGFVIYKQWTYKSGSLKPNHKIGYINS
IIVDINFRHQGIGTKLLDAAEEELINSGVKILRCGSDTYHFFPGIPLECLPSEEFFLVRGYKMQDYFYDLIGDVSKVDFK
KPSIKDGFKVNVMKPEDRKGLFEFLEKSFSGRWLEEFIEFFQVGMKERDIVLIKYKTSVIGFSHIYDNKSSFIGPPIYWK
ALLGHNYGGLGPIGIDKTYRKQGLGRLLLYESLQILKKREVKKMVIDWTEKDIINFYGRFNFMPWKAYRKATKEVKDGKG
GGHHHHHH
;
_entity_poly.pdbx_strand_id   A
#
# COMPACT_ATOMS: atom_id res chain seq x y z
N MET A 1 -8.30 -20.53 -26.24
CA MET A 1 -7.67 -19.73 -25.16
C MET A 1 -6.48 -20.44 -24.53
N GLU A 2 -5.44 -19.66 -24.27
CA GLU A 2 -4.26 -20.16 -23.60
C GLU A 2 -3.89 -19.32 -22.37
N ILE A 3 -3.44 -19.96 -21.30
CA ILE A 3 -2.82 -19.26 -20.18
C ILE A 3 -1.30 -19.34 -20.32
N LYS A 4 -0.61 -18.20 -20.31
CA LYS A 4 0.86 -18.18 -20.31
C LYS A 4 1.39 -16.86 -19.72
N GLU A 5 2.66 -16.80 -19.39
CA GLU A 5 3.24 -15.61 -18.79
C GLU A 5 3.16 -14.45 -19.76
N THR A 6 2.96 -13.25 -19.22
CA THR A 6 3.11 -12.02 -19.99
C THR A 6 3.70 -10.91 -19.13
N TYR A 7 4.61 -10.16 -19.72
CA TYR A 7 5.16 -8.98 -19.14
C TYR A 7 4.89 -7.85 -20.11
N ASP A 8 3.80 -7.98 -20.87
CA ASP A 8 3.35 -6.88 -21.72
C ASP A 8 2.60 -5.80 -20.89
N PHE A 9 3.40 -4.96 -20.25
CA PHE A 9 2.89 -4.05 -19.24
C PHE A 9 1.84 -3.11 -19.80
N SER A 10 2.01 -2.57 -21.00
CA SER A 10 0.98 -1.70 -21.57
CA SER A 10 0.97 -1.67 -21.49
C SER A 10 -0.36 -2.40 -21.71
N SER A 11 -0.35 -3.63 -22.20
CA SER A 11 -1.61 -4.34 -22.42
C SER A 11 -2.33 -4.65 -21.13
N ILE A 12 -1.54 -4.96 -20.11
CA ILE A 12 -2.08 -5.24 -18.78
C ILE A 12 -2.77 -4.00 -18.18
N VAL A 13 -2.04 -2.87 -18.22
CA VAL A 13 -2.52 -1.60 -17.74
C VAL A 13 -3.74 -1.16 -18.55
N ASP A 14 -3.71 -1.38 -19.85
CA ASP A 14 -4.88 -1.08 -20.68
C ASP A 14 -6.10 -1.88 -20.27
N LEU A 15 -5.90 -3.17 -20.04
CA LEU A 15 -6.99 -4.00 -19.57
C LEU A 15 -7.45 -3.59 -18.17
N TRP A 16 -6.49 -3.33 -17.29
CA TRP A 16 -6.77 -2.80 -15.94
C TRP A 16 -7.70 -1.57 -16.02
N ASN A 17 -7.35 -0.58 -16.82
CA ASN A 17 -8.13 0.65 -16.89
C ASN A 17 -9.49 0.53 -17.54
N LYS A 18 -9.58 -0.32 -18.55
CA LYS A 18 -10.84 -0.53 -19.20
C LYS A 18 -11.80 -1.15 -18.21
N ASN A 19 -11.31 -2.05 -17.36
CA ASN A 19 -12.22 -2.76 -16.46
C ASN A 19 -12.53 -2.04 -15.17
N ILE A 20 -11.50 -1.49 -14.52
CA ILE A 20 -11.64 -0.89 -13.20
C ILE A 20 -11.02 0.50 -13.04
N GLY A 21 -10.64 1.13 -14.14
CA GLY A 21 -9.96 2.42 -14.10
C GLY A 21 -10.74 3.61 -13.53
N THR A 22 -12.06 3.52 -13.50
CA THR A 22 -12.89 4.60 -12.98
CA THR A 22 -12.88 4.60 -12.99
C THR A 22 -12.59 4.81 -11.49
N VAL A 23 -12.33 3.70 -10.79
CA VAL A 23 -12.11 3.73 -9.37
C VAL A 23 -10.69 3.34 -8.96
N TYR A 24 -9.95 2.59 -9.79
CA TYR A 24 -8.52 2.38 -9.56
C TYR A 24 -7.75 2.72 -10.83
N PRO A 25 -7.67 4.05 -11.15
CA PRO A 25 -6.96 4.44 -12.34
C PRO A 25 -5.47 4.07 -12.27
N MET A 26 -4.98 3.29 -13.22
CA MET A 26 -3.58 2.83 -13.18
C MET A 26 -2.77 3.55 -14.25
N ASN A 27 -1.49 3.79 -13.99
CA ASN A 27 -0.62 4.33 -15.03
C ASN A 27 0.59 3.42 -15.09
N LEU A 28 1.26 3.45 -16.23
CA LEU A 28 2.43 2.58 -16.44
C LEU A 28 3.53 2.80 -15.44
N GLU A 29 3.76 4.04 -15.04
CA GLU A 29 4.82 4.36 -14.09
C GLU A 29 4.63 3.63 -12.77
N LEU A 30 3.41 3.72 -12.22
CA LEU A 30 3.14 3.00 -10.98
C LEU A 30 3.20 1.47 -11.18
N PHE A 31 2.64 0.99 -12.27
CA PHE A 31 2.53 -0.45 -12.47
C PHE A 31 3.94 -1.04 -12.52
N LYS A 32 4.78 -0.44 -13.34
CA LYS A 32 6.16 -0.86 -13.45
C LYS A 32 6.98 -0.66 -12.18
N GLN A 33 6.86 0.49 -11.54
CA GLN A 33 7.56 0.71 -10.31
C GLN A 33 7.26 -0.47 -9.34
N ASN A 34 5.98 -0.74 -9.15
CA ASN A 34 5.58 -1.75 -8.16
C ASN A 34 5.94 -3.16 -8.58
N TYR A 35 5.70 -3.51 -9.84
CA TYR A 35 5.96 -4.88 -10.25
C TYR A 35 7.47 -5.14 -10.31
N ILE A 36 8.18 -4.26 -10.99
CA ILE A 36 9.61 -4.49 -11.25
C ILE A 36 10.43 -4.45 -9.97
N ASN A 37 10.17 -3.56 -9.05
CA ASN A 37 11.01 -3.44 -7.88
C ASN A 37 10.74 -4.46 -6.79
N ASP A 38 9.65 -5.20 -6.90
CA ASP A 38 9.37 -6.17 -5.89
C ASP A 38 10.45 -7.28 -5.89
N ARG A 39 10.83 -7.71 -4.70
CA ARG A 39 11.92 -8.65 -4.44
C ARG A 39 11.42 -10.06 -4.16
N GLN A 40 10.11 -10.26 -4.10
CA GLN A 40 9.57 -11.59 -3.89
C GLN A 40 9.66 -12.41 -5.18
N ARG A 41 9.55 -13.73 -5.04
CA ARG A 41 9.30 -14.60 -6.19
C ARG A 41 7.93 -14.21 -6.69
N LYS A 42 7.84 -13.88 -7.98
CA LYS A 42 6.70 -13.19 -8.53
C LYS A 42 6.47 -13.64 -9.97
N LYS A 43 5.22 -13.59 -10.43
CA LYS A 43 4.94 -13.92 -11.80
C LYS A 43 3.65 -13.23 -12.19
N ILE A 44 3.50 -12.99 -13.48
CA ILE A 44 2.23 -12.61 -14.09
C ILE A 44 1.82 -13.65 -15.12
N MET A 45 0.64 -14.21 -14.93
CA MET A 45 0.02 -15.13 -15.90
C MET A 45 -1.15 -14.43 -16.58
N GLY A 46 -1.14 -14.48 -17.90
CA GLY A 46 -2.18 -13.94 -18.76
C GLY A 46 -3.00 -15.03 -19.41
N ALA A 47 -4.22 -14.65 -19.73
CA ALA A 47 -5.11 -15.44 -20.54
C ALA A 47 -5.25 -14.75 -21.87
N PHE A 48 -5.16 -15.54 -22.95
CA PHE A 48 -5.03 -15.00 -24.29
C PHE A 48 -5.99 -15.71 -25.24
N ASN A 49 -6.60 -14.94 -26.12
CA ASN A 49 -7.27 -15.47 -27.31
C ASN A 49 -6.37 -15.10 -28.47
N GLY A 50 -5.55 -16.04 -28.88
CA GLY A 50 -4.57 -15.76 -29.88
C GLY A 50 -3.67 -14.73 -29.30
N GLU A 51 -3.54 -13.60 -29.98
CA GLU A 51 -2.69 -12.55 -29.50
C GLU A 51 -3.36 -11.57 -28.54
N ILE A 52 -4.63 -11.73 -28.25
CA ILE A 52 -5.33 -10.73 -27.44
C ILE A 52 -5.35 -11.14 -25.98
N LEU A 53 -4.81 -10.27 -25.11
CA LEU A 53 -4.90 -10.47 -23.68
C LEU A 53 -6.32 -10.25 -23.21
N ILE A 54 -6.93 -11.25 -22.58
CA ILE A 54 -8.26 -11.12 -22.03
C ILE A 54 -8.39 -11.22 -20.52
N GLY A 55 -7.30 -11.49 -19.81
CA GLY A 55 -7.27 -11.46 -18.34
C GLY A 55 -5.85 -11.74 -17.85
N PHE A 56 -5.62 -11.55 -16.55
CA PHE A 56 -4.32 -11.77 -15.92
C PHE A 56 -4.43 -11.94 -14.41
N VAL A 57 -3.39 -12.55 -13.86
CA VAL A 57 -3.23 -12.63 -12.42
C VAL A 57 -1.77 -12.39 -12.09
N ILE A 58 -1.53 -11.66 -11.02
CA ILE A 58 -0.20 -11.37 -10.52
C ILE A 58 -0.11 -12.00 -9.17
N TYR A 59 0.95 -12.77 -8.96
CA TYR A 59 1.05 -13.52 -7.73
C TYR A 59 2.49 -13.67 -7.24
N LYS A 60 2.64 -13.86 -5.93
CA LYS A 60 3.93 -13.77 -5.28
C LYS A 60 4.02 -14.76 -4.16
N GLN A 61 5.24 -15.22 -3.86
CA GLN A 61 5.49 -15.99 -2.64
C GLN A 61 6.49 -15.21 -1.77
N TRP A 62 6.27 -15.21 -0.45
CA TRP A 62 7.13 -14.44 0.43
C TRP A 62 8.50 -15.14 0.58
N THR A 63 9.46 -14.71 -0.22
CA THR A 63 10.78 -15.31 -0.28
C THR A 63 11.88 -14.32 0.14
N TYR A 64 11.54 -13.05 0.37
CA TYR A 64 12.51 -12.04 0.69
C TYR A 64 12.18 -11.43 2.05
N LYS A 65 13.20 -11.20 2.86
CA LYS A 65 13.04 -10.71 4.23
C LYS A 65 12.21 -9.41 4.28
N SER A 66 11.51 -9.17 5.40
CA SER A 66 10.97 -7.83 5.71
C SER A 66 11.68 -7.29 6.96
N GLY A 67 12.71 -6.46 6.78
CA GLY A 67 13.49 -5.89 7.87
C GLY A 67 14.04 -7.09 8.62
N SER A 68 13.77 -7.16 9.91
CA SER A 68 14.29 -8.27 10.67
C SER A 68 13.29 -9.43 10.77
N LEU A 69 12.14 -9.35 10.11
CA LEU A 69 11.38 -10.55 9.77
C LEU A 69 12.01 -11.35 8.63
N LYS A 70 12.43 -12.58 8.90
CA LYS A 70 12.62 -13.62 7.85
C LYS A 70 11.41 -13.83 6.93
N PRO A 71 11.66 -14.09 5.64
CA PRO A 71 10.50 -14.49 4.85
C PRO A 71 9.81 -15.76 5.37
N ASN A 72 8.50 -15.74 5.32
CA ASN A 72 7.71 -16.95 5.57
C ASN A 72 7.19 -17.53 4.27
N HIS A 73 7.91 -18.54 3.79
CA HIS A 73 7.67 -19.21 2.51
C HIS A 73 6.29 -19.88 2.41
N LYS A 74 5.64 -20.06 3.55
CA LYS A 74 4.27 -20.54 3.56
C LYS A 74 3.22 -19.53 3.04
N ILE A 75 3.58 -18.26 2.96
CA ILE A 75 2.65 -17.21 2.57
C ILE A 75 2.84 -16.92 1.08
N GLY A 76 1.74 -17.01 0.34
CA GLY A 76 1.61 -16.49 -1.00
C GLY A 76 0.49 -15.45 -1.09
N TYR A 77 0.56 -14.71 -2.18
CA TYR A 77 -0.29 -13.56 -2.39
C TYR A 77 -0.84 -13.47 -3.80
N ILE A 78 -2.11 -13.11 -3.87
CA ILE A 78 -2.71 -12.70 -5.12
C ILE A 78 -2.71 -11.18 -5.11
N ASN A 79 -1.80 -10.59 -5.88
CA ASN A 79 -1.59 -9.16 -5.93
C ASN A 79 -2.80 -8.50 -6.61
N SER A 80 -3.22 -9.10 -7.71
CA SER A 80 -4.37 -8.67 -8.47
C SER A 80 -4.80 -9.82 -9.42
N ILE A 81 -6.08 -9.79 -9.77
CA ILE A 81 -6.60 -10.61 -10.86
C ILE A 81 -7.79 -9.91 -11.52
N ILE A 82 -7.75 -9.77 -12.83
CA ILE A 82 -8.83 -9.13 -13.57
C ILE A 82 -9.03 -9.95 -14.84
N VAL A 83 -10.28 -10.34 -15.10
CA VAL A 83 -10.76 -10.83 -16.40
C VAL A 83 -11.54 -9.77 -17.12
N ASP A 84 -11.28 -9.61 -18.40
CA ASP A 84 -11.97 -8.54 -19.14
C ASP A 84 -13.49 -8.79 -19.12
N ILE A 85 -14.21 -7.69 -19.00
CA ILE A 85 -15.66 -7.62 -18.85
C ILE A 85 -16.45 -8.40 -19.94
N ASN A 86 -15.94 -8.44 -21.17
CA ASN A 86 -16.55 -9.18 -22.27
C ASN A 86 -16.22 -10.68 -22.26
N PHE A 87 -15.49 -11.17 -21.27
CA PHE A 87 -15.14 -12.59 -21.18
C PHE A 87 -15.42 -13.22 -19.83
N ARG A 88 -16.38 -12.67 -19.09
CA ARG A 88 -16.65 -13.09 -17.72
C ARG A 88 -17.53 -14.34 -17.67
N HIS A 89 -17.51 -15.03 -16.55
CA HIS A 89 -18.31 -16.21 -16.36
C HIS A 89 -18.10 -17.20 -17.47
N GLN A 90 -16.85 -17.37 -17.90
CA GLN A 90 -16.49 -18.48 -18.77
C GLN A 90 -15.41 -19.36 -18.17
N GLY A 91 -15.11 -19.20 -16.87
CA GLY A 91 -14.14 -20.00 -16.18
C GLY A 91 -12.72 -19.49 -16.29
N ILE A 92 -12.53 -18.34 -16.92
CA ILE A 92 -11.20 -17.85 -17.12
C ILE A 92 -10.50 -17.43 -15.84
N GLY A 93 -11.23 -16.71 -15.00
CA GLY A 93 -10.74 -16.38 -13.67
C GLY A 93 -10.30 -17.57 -12.86
N THR A 94 -11.16 -18.60 -12.87
CA THR A 94 -10.86 -19.89 -12.31
C THR A 94 -9.54 -20.52 -12.78
N LYS A 95 -9.35 -20.58 -14.08
CA LYS A 95 -8.16 -21.20 -14.67
C LYS A 95 -6.90 -20.42 -14.29
N LEU A 96 -7.00 -19.09 -14.33
CA LEU A 96 -5.91 -18.23 -13.88
C LEU A 96 -5.52 -18.43 -12.41
N LEU A 97 -6.48 -18.43 -11.49
CA LEU A 97 -6.20 -18.57 -10.08
C LEU A 97 -5.79 -19.99 -9.77
N ASP A 98 -6.28 -20.95 -10.53
CA ASP A 98 -5.84 -22.36 -10.35
C ASP A 98 -4.35 -22.46 -10.64
N ALA A 99 -3.93 -21.80 -11.72
CA ALA A 99 -2.55 -21.87 -12.20
C ALA A 99 -1.62 -21.20 -11.20
N ALA A 100 -2.01 -20.02 -10.76
CA ALA A 100 -1.29 -19.30 -9.71
C ALA A 100 -1.16 -20.13 -8.43
N GLU A 101 -2.29 -20.63 -7.98
CA GLU A 101 -2.33 -21.28 -6.72
C GLU A 101 -1.51 -22.59 -6.81
N GLU A 102 -1.65 -23.34 -7.90
CA GLU A 102 -0.98 -24.66 -7.99
C GLU A 102 0.52 -24.45 -7.92
N GLU A 103 1.02 -23.43 -8.61
CA GLU A 103 2.41 -23.10 -8.55
C GLU A 103 2.89 -22.70 -7.16
N LEU A 104 2.17 -21.80 -6.49
CA LEU A 104 2.53 -21.40 -5.14
C LEU A 104 2.57 -22.62 -4.21
N ILE A 105 1.52 -23.41 -4.27
CA ILE A 105 1.41 -24.63 -3.50
C ILE A 105 2.57 -25.60 -3.74
N ASN A 106 2.88 -25.91 -5.00
CA ASN A 106 4.07 -26.72 -5.30
C ASN A 106 5.34 -26.16 -4.70
N SER A 107 5.44 -24.85 -4.56
CA SER A 107 6.65 -24.24 -4.02
CA SER A 107 6.63 -24.22 -4.02
C SER A 107 6.53 -24.01 -2.52
N GLY A 108 5.48 -24.56 -1.91
CA GLY A 108 5.42 -24.61 -0.44
C GLY A 108 4.42 -23.73 0.25
N VAL A 109 3.60 -23.01 -0.53
CA VAL A 109 2.64 -22.08 0.08
C VAL A 109 1.53 -22.87 0.72
N LYS A 110 1.14 -22.43 1.91
CA LYS A 110 -0.03 -22.95 2.61
C LYS A 110 -1.06 -21.87 3.04
N ILE A 111 -0.70 -20.60 2.96
CA ILE A 111 -1.63 -19.54 3.25
C ILE A 111 -1.60 -18.59 2.07
N LEU A 112 -2.78 -18.34 1.51
CA LEU A 112 -2.92 -17.48 0.34
C LEU A 112 -3.73 -16.23 0.73
N ARG A 113 -3.15 -15.07 0.47
CA ARG A 113 -3.73 -13.77 0.82
C ARG A 113 -4.16 -12.92 -0.39
N CYS A 114 -5.30 -12.24 -0.24
CA CYS A 114 -5.78 -11.34 -1.25
C CYS A 114 -5.18 -10.00 -0.96
N GLY A 115 -4.34 -9.54 -1.88
CA GLY A 115 -3.57 -8.35 -1.68
C GLY A 115 -2.74 -8.42 -0.40
N SER A 116 -2.43 -7.24 0.14
CA SER A 116 -1.50 -7.07 1.26
C SER A 116 -0.02 -7.41 0.98
N ASP A 117 0.36 -7.74 -0.25
CA ASP A 117 1.74 -8.05 -0.58
C ASP A 117 2.64 -6.83 -0.44
N THR A 118 3.96 -7.02 -0.49
CA THR A 118 4.87 -5.89 -0.65
C THR A 118 4.56 -5.29 -2.01
N TYR A 119 4.71 -3.98 -2.19
CA TYR A 119 4.36 -3.34 -3.43
C TYR A 119 2.98 -3.75 -3.93
N HIS A 120 2.09 -3.81 -2.98
CA HIS A 120 0.70 -4.17 -3.24
C HIS A 120 0.05 -3.11 -4.10
N PHE A 121 -1.04 -3.46 -4.77
CA PHE A 121 -1.96 -2.43 -5.23
C PHE A 121 -3.16 -2.28 -4.27
N PHE A 122 -3.44 -3.35 -3.51
CA PHE A 122 -4.63 -3.39 -2.67
C PHE A 122 -4.30 -4.00 -1.30
N PRO A 123 -4.71 -3.36 -0.21
CA PRO A 123 -4.60 -3.97 1.16
C PRO A 123 -5.45 -5.23 1.33
N GLY A 124 -6.49 -5.33 0.51
CA GLY A 124 -7.39 -6.49 0.47
C GLY A 124 -8.35 -6.39 -0.74
N ILE A 125 -9.45 -7.12 -0.69
CA ILE A 125 -10.44 -7.05 -1.77
C ILE A 125 -11.17 -5.73 -1.71
N PRO A 126 -10.96 -4.88 -2.72
CA PRO A 126 -11.67 -3.60 -2.67
C PRO A 126 -13.20 -3.74 -2.60
N LEU A 127 -13.83 -2.82 -1.90
CA LEU A 127 -15.28 -2.79 -1.90
C LEU A 127 -15.85 -2.60 -3.30
N GLU A 128 -15.14 -1.89 -4.17
CA GLU A 128 -15.59 -1.69 -5.51
C GLU A 128 -15.57 -3.03 -6.30
N CYS A 129 -14.80 -3.97 -5.77
CA CYS A 129 -14.75 -5.37 -6.26
C CYS A 129 -15.47 -6.32 -5.34
N LEU A 130 -16.45 -5.81 -4.63
CA LEU A 130 -17.22 -6.61 -3.69
C LEU A 130 -17.80 -7.91 -4.28
N PRO A 131 -18.26 -7.89 -5.55
CA PRO A 131 -18.84 -9.11 -6.08
C PRO A 131 -17.82 -10.25 -6.22
N SER A 132 -16.53 -9.92 -6.37
CA SER A 132 -15.45 -10.89 -6.40
C SER A 132 -15.29 -11.61 -5.07
N GLU A 133 -15.78 -11.04 -3.96
CA GLU A 133 -15.76 -11.80 -2.70
C GLU A 133 -16.33 -13.22 -2.88
N GLU A 134 -17.39 -13.32 -3.67
CA GLU A 134 -18.03 -14.59 -3.90
C GLU A 134 -17.22 -15.53 -4.78
N PHE A 135 -16.55 -14.96 -5.77
CA PHE A 135 -15.52 -15.70 -6.52
C PHE A 135 -14.49 -16.30 -5.57
N PHE A 136 -14.01 -15.52 -4.62
CA PHE A 136 -12.94 -15.99 -3.72
C PHE A 136 -13.49 -17.00 -2.71
N LEU A 137 -14.66 -16.71 -2.17
CA LEU A 137 -15.38 -17.64 -1.31
C LEU A 137 -15.55 -19.03 -1.89
N VAL A 138 -16.00 -19.08 -3.13
CA VAL A 138 -16.15 -20.34 -3.81
C VAL A 138 -14.82 -21.10 -3.88
N ARG A 139 -13.69 -20.41 -3.95
CA ARG A 139 -12.40 -21.08 -4.00
C ARG A 139 -11.78 -21.37 -2.67
N GLY A 140 -12.52 -21.11 -1.60
CA GLY A 140 -12.05 -21.46 -0.26
C GLY A 140 -11.36 -20.37 0.53
N TYR A 141 -11.42 -19.12 0.07
CA TYR A 141 -10.96 -17.97 0.86
C TYR A 141 -12.04 -17.63 1.87
N LYS A 142 -11.61 -17.22 3.05
CA LYS A 142 -12.51 -16.73 4.05
C LYS A 142 -12.37 -15.22 4.16
N MET A 143 -13.52 -14.57 4.33
CA MET A 143 -13.57 -13.11 4.36
C MET A 143 -13.40 -12.64 5.77
N GLN A 144 -12.56 -11.62 6.02
CA GLN A 144 -12.26 -11.21 7.36
C GLN A 144 -12.60 -9.75 7.50
N ASP A 145 -11.75 -8.98 8.16
CA ASP A 145 -12.14 -7.63 8.50
C ASP A 145 -11.74 -6.63 7.39
N TYR A 146 -11.96 -5.34 7.65
CA TYR A 146 -11.75 -4.27 6.65
C TYR A 146 -10.60 -3.35 7.03
N PHE A 147 -9.95 -2.83 6.02
CA PHE A 147 -9.06 -1.70 6.19
C PHE A 147 -9.59 -0.57 5.30
N TYR A 148 -9.14 0.68 5.54
CA TYR A 148 -9.71 1.86 4.84
C TYR A 148 -8.61 2.84 4.43
N ASP A 149 -8.71 3.33 3.21
CA ASP A 149 -7.98 4.52 2.82
C ASP A 149 -8.84 5.70 3.22
N LEU A 150 -8.23 6.71 3.83
CA LEU A 150 -8.97 7.90 4.24
C LEU A 150 -8.56 9.04 3.34
N ILE A 151 -9.45 10.01 3.16
CA ILE A 151 -9.24 11.18 2.30
C ILE A 151 -9.64 12.44 3.06
N GLY A 152 -8.88 13.49 2.81
CA GLY A 152 -9.18 14.82 3.41
C GLY A 152 -8.61 15.90 2.51
N ASP A 153 -9.09 17.14 2.67
CA ASP A 153 -8.56 18.28 1.92
C ASP A 153 -7.98 19.25 2.95
N VAL A 154 -6.67 19.22 3.04
CA VAL A 154 -5.97 19.92 4.10
C VAL A 154 -5.96 21.43 3.80
N SER A 155 -6.29 21.84 2.58
CA SER A 155 -6.43 23.25 2.30
C SER A 155 -7.68 23.88 2.89
N LYS A 156 -8.60 23.09 3.43
CA LYS A 156 -9.94 23.60 3.79
C LYS A 156 -10.18 23.82 5.27
N VAL A 157 -9.24 23.40 6.11
CA VAL A 157 -9.43 23.39 7.55
C VAL A 157 -8.14 23.93 8.18
N ASP A 158 -8.27 24.62 9.31
CA ASP A 158 -7.13 25.09 10.10
C ASP A 158 -7.20 24.31 11.39
N PHE A 159 -6.05 23.88 11.91
CA PHE A 159 -6.14 23.22 13.21
CA PHE A 159 -5.92 23.03 13.09
C PHE A 159 -5.23 23.81 14.24
N LYS A 160 -5.54 23.45 15.49
CA LYS A 160 -4.91 23.99 16.70
C LYS A 160 -3.68 23.13 16.94
N LYS A 161 -2.54 23.77 17.21
CA LYS A 161 -1.34 23.02 17.61
C LYS A 161 -1.66 22.34 18.95
N PRO A 162 -1.51 21.01 19.07
CA PRO A 162 -1.56 20.36 20.42
C PRO A 162 -0.51 20.93 21.38
N SER A 163 -0.75 20.85 22.69
CA SER A 163 0.12 21.50 23.69
C SER A 163 1.43 20.78 23.88
N ILE A 164 2.50 21.46 23.47
CA ILE A 164 3.85 20.91 23.54
C ILE A 164 4.38 20.84 24.98
N LYS A 165 4.32 19.65 25.59
CA LYS A 165 5.24 19.31 26.67
C LYS A 165 6.62 19.40 26.05
N ASP A 166 7.63 19.74 26.84
CA ASP A 166 8.92 20.14 26.30
C ASP A 166 9.90 18.95 26.15
N GLY A 167 10.91 19.15 25.29
CA GLY A 167 11.88 18.11 24.97
C GLY A 167 11.69 17.52 23.58
N PHE A 168 10.46 17.59 23.08
CA PHE A 168 10.08 16.87 21.85
C PHE A 168 10.09 17.84 20.69
N LYS A 169 10.82 17.48 19.64
CA LYS A 169 10.88 18.29 18.44
C LYS A 169 10.51 17.49 17.19
N VAL A 170 9.73 18.12 16.32
CA VAL A 170 9.26 17.48 15.11
C VAL A 170 9.90 18.20 13.94
N ASN A 171 10.59 17.48 13.05
CA ASN A 171 11.28 18.08 11.90
C ASN A 171 11.41 17.16 10.71
N VAL A 172 11.35 17.74 9.51
CA VAL A 172 11.73 17.03 8.31
C VAL A 172 13.13 16.44 8.47
N MET A 173 13.29 15.21 8.01
CA MET A 173 14.51 14.45 8.15
C MET A 173 15.64 15.11 7.33
N LYS A 174 16.88 15.01 7.86
CA LYS A 174 18.12 15.31 7.11
C LYS A 174 19.02 14.09 6.87
N PRO A 175 19.96 14.17 5.90
CA PRO A 175 20.67 12.91 5.56
C PRO A 175 21.34 12.27 6.76
N GLU A 176 21.84 13.13 7.65
CA GLU A 176 22.63 12.69 8.81
C GLU A 176 21.79 12.03 9.91
N ASP A 177 20.47 12.05 9.77
CA ASP A 177 19.52 11.39 10.67
C ASP A 177 19.28 9.94 10.34
N ARG A 178 19.80 9.48 9.20
CA ARG A 178 19.51 8.15 8.72
C ARG A 178 19.97 7.06 9.68
N LYS A 179 21.18 7.22 10.21
CA LYS A 179 21.60 6.30 11.27
C LYS A 179 20.57 6.23 12.41
N GLY A 180 20.20 7.38 12.96
CA GLY A 180 19.29 7.41 14.12
C GLY A 180 17.94 6.81 13.78
N LEU A 181 17.44 7.16 12.61
CA LEU A 181 16.18 6.64 12.15
C LEU A 181 16.19 5.11 12.09
N PHE A 182 17.21 4.53 11.52
CA PHE A 182 17.28 3.08 11.43
C PHE A 182 17.38 2.40 12.79
N GLU A 183 18.12 3.04 13.67
CA GLU A 183 18.24 2.58 15.03
C GLU A 183 16.86 2.55 15.70
N PHE A 184 16.11 3.63 15.54
CA PHE A 184 14.75 3.66 16.05
C PHE A 184 13.85 2.57 15.42
N LEU A 185 13.97 2.32 14.11
CA LEU A 185 13.12 1.34 13.48
C LEU A 185 13.44 -0.09 13.91
N GLU A 186 14.73 -0.42 14.03
CA GLU A 186 15.14 -1.75 14.53
C GLU A 186 14.54 -2.05 15.90
N LYS A 187 14.44 -1.02 16.72
CA LYS A 187 13.78 -1.12 18.03
C LYS A 187 12.27 -1.23 17.97
N SER A 188 11.64 -0.35 17.20
CA SER A 188 10.19 -0.18 17.34
C SER A 188 9.36 -0.71 16.17
N PHE A 189 9.93 -0.79 14.98
CA PHE A 189 9.14 -1.11 13.80
C PHE A 189 10.04 -1.85 12.85
N SER A 190 10.50 -3.02 13.29
CA SER A 190 11.68 -3.58 12.67
C SER A 190 11.30 -4.56 11.56
N GLY A 191 9.99 -4.69 11.31
CA GLY A 191 9.47 -5.54 10.24
C GLY A 191 9.34 -4.84 8.91
N ARG A 192 8.15 -4.86 8.34
CA ARG A 192 7.94 -4.36 6.98
C ARG A 192 8.23 -2.86 6.86
N TRP A 193 7.96 -2.07 7.90
CA TRP A 193 8.20 -0.66 7.80
C TRP A 193 9.71 -0.35 7.66
N LEU A 194 10.54 -1.12 8.37
CA LEU A 194 11.99 -0.98 8.25
C LEU A 194 12.37 -1.32 6.85
N GLU A 195 11.85 -2.43 6.36
CA GLU A 195 12.19 -2.86 5.04
C GLU A 195 11.76 -1.85 4.00
N GLU A 196 10.60 -1.23 4.22
CA GLU A 196 10.11 -0.21 3.32
C GLU A 196 11.04 1.03 3.31
N PHE A 197 11.49 1.44 4.49
CA PHE A 197 12.44 2.54 4.51
C PHE A 197 13.69 2.27 3.64
N ILE A 198 14.27 1.08 3.83
CA ILE A 198 15.44 0.66 3.07
C ILE A 198 15.10 0.69 1.61
N GLU A 199 14.02 0.03 1.21
CA GLU A 199 13.71 -0.13 -0.21
C GLU A 199 13.23 1.16 -0.85
N PHE A 200 12.45 1.97 -0.13
CA PHE A 200 11.95 3.22 -0.70
C PHE A 200 13.05 4.26 -0.92
N PHE A 201 14.01 4.34 -0.01
CA PHE A 201 15.19 5.17 -0.24
C PHE A 201 15.92 4.70 -1.50
N GLN A 202 15.96 3.39 -1.75
CA GLN A 202 16.55 2.94 -3.00
C GLN A 202 15.76 3.32 -4.27
N VAL A 203 14.45 3.53 -4.17
CA VAL A 203 13.65 3.74 -5.36
C VAL A 203 13.20 5.19 -5.46
N GLY A 204 13.82 6.12 -4.73
CA GLY A 204 13.57 7.55 -4.96
C GLY A 204 12.90 8.38 -3.89
N MET A 205 12.50 7.78 -2.77
CA MET A 205 12.15 8.57 -1.59
C MET A 205 13.34 9.40 -1.16
N LYS A 206 13.05 10.63 -0.75
CA LYS A 206 14.03 11.62 -0.31
C LYS A 206 13.72 11.95 1.13
N GLU A 207 14.72 12.48 1.81
CA GLU A 207 14.62 12.96 3.18
C GLU A 207 13.45 13.92 3.35
N ARG A 208 13.15 14.71 2.31
CA ARG A 208 12.01 15.65 2.39
C ARG A 208 10.64 14.98 2.64
N ASP A 209 10.53 13.69 2.30
CA ASP A 209 9.29 12.93 2.45
C ASP A 209 9.11 12.37 3.87
N ILE A 210 10.07 12.60 4.75
CA ILE A 210 10.06 11.98 6.07
C ILE A 210 10.10 13.06 7.10
N VAL A 211 9.25 12.92 8.11
CA VAL A 211 9.18 13.84 9.23
C VAL A 211 9.57 12.97 10.44
N LEU A 212 10.37 13.51 11.34
CA LEU A 212 10.83 12.78 12.53
C LEU A 212 10.40 13.57 13.76
N ILE A 213 10.12 12.83 14.81
CA ILE A 213 9.96 13.42 16.12
C ILE A 213 11.07 12.87 17.02
N LYS A 214 11.73 13.78 17.72
CA LYS A 214 12.89 13.48 18.57
C LYS A 214 12.58 13.98 19.99
N TYR A 215 13.08 13.26 20.99
CA TYR A 215 13.09 13.73 22.35
C TYR A 215 14.56 13.89 22.64
N LYS A 216 14.96 15.13 22.94
CA LYS A 216 16.37 15.47 23.05
C LYS A 216 16.96 15.10 21.69
N THR A 217 17.97 14.23 21.63
CA THR A 217 18.47 13.85 20.33
C THR A 217 17.89 12.54 19.78
N SER A 218 17.12 11.82 20.57
CA SER A 218 16.70 10.47 20.16
C SER A 218 15.47 10.53 19.24
N VAL A 219 15.57 9.91 18.05
CA VAL A 219 14.38 9.66 17.22
C VAL A 219 13.37 8.75 17.96
N ILE A 220 12.18 9.25 18.22
CA ILE A 220 11.09 8.46 18.82
C ILE A 220 9.80 8.27 17.98
N GLY A 221 9.80 8.72 16.74
CA GLY A 221 8.69 8.49 15.82
C GLY A 221 8.96 9.10 14.44
N PHE A 222 8.12 8.74 13.48
CA PHE A 222 8.25 9.20 12.12
C PHE A 222 6.87 9.26 11.46
N SER A 223 6.79 10.06 10.41
CA SER A 223 5.79 9.86 9.36
C SER A 223 6.46 9.94 7.99
N HIS A 224 5.78 9.38 7.01
CA HIS A 224 6.10 9.54 5.59
C HIS A 224 4.99 10.38 4.98
N ILE A 225 5.40 11.46 4.33
CA ILE A 225 4.49 12.38 3.66
C ILE A 225 4.78 12.41 2.18
N TYR A 226 3.75 12.69 1.38
CA TYR A 226 3.86 12.68 -0.08
C TYR A 226 3.20 13.90 -0.67
N ASP A 227 3.81 14.42 -1.74
CA ASP A 227 3.21 15.46 -2.53
C ASP A 227 3.47 15.27 -4.00
N ASN A 228 3.12 16.22 -4.84
CA ASN A 228 3.31 16.00 -6.26
C ASN A 228 4.77 16.19 -6.69
N LYS A 229 5.69 16.41 -5.77
CA LYS A 229 7.07 16.31 -6.12
C LYS A 229 7.75 15.02 -5.72
N SER A 230 7.11 14.17 -4.90
CA SER A 230 7.76 12.94 -4.47
CA SER A 230 7.67 12.88 -4.48
C SER A 230 8.12 12.08 -5.69
N SER A 231 9.29 11.45 -5.63
CA SER A 231 9.75 10.62 -6.76
C SER A 231 9.16 9.21 -6.67
N PHE A 232 9.06 8.72 -5.46
CA PHE A 232 8.57 7.39 -5.23
C PHE A 232 7.03 7.49 -5.19
N ILE A 233 6.32 6.74 -6.03
CA ILE A 233 4.87 6.62 -5.86
C ILE A 233 4.47 5.61 -4.78
N GLY A 234 4.27 6.08 -3.54
CA GLY A 234 3.84 5.20 -2.46
C GLY A 234 2.32 5.04 -2.33
N PRO A 235 1.87 4.12 -1.43
CA PRO A 235 0.45 3.80 -1.35
C PRO A 235 -0.52 4.98 -1.19
N PRO A 236 -0.18 5.98 -0.37
CA PRO A 236 -1.11 7.14 -0.28
C PRO A 236 -1.40 7.84 -1.61
N ILE A 237 -0.47 7.78 -2.57
CA ILE A 237 -0.66 8.48 -3.85
C ILE A 237 -0.79 7.51 -5.01
N TYR A 238 -1.11 6.24 -4.75
CA TYR A 238 -1.40 5.35 -5.87
C TYR A 238 -2.46 5.94 -6.81
N TRP A 239 -3.56 6.43 -6.21
CA TRP A 239 -4.76 6.81 -6.95
C TRP A 239 -4.83 8.31 -7.06
N LYS A 240 -3.64 8.91 -7.17
CA LYS A 240 -3.50 10.37 -7.39
C LYS A 240 -4.32 10.92 -8.59
N ALA A 241 -4.59 10.14 -9.62
CA ALA A 241 -5.48 10.62 -10.71
C ALA A 241 -6.87 10.99 -10.25
N LEU A 242 -7.31 10.46 -9.12
CA LEU A 242 -8.57 10.86 -8.54
C LEU A 242 -8.47 12.08 -7.63
N LEU A 243 -7.26 12.59 -7.41
CA LEU A 243 -7.05 13.50 -6.28
C LEU A 243 -6.83 14.96 -6.70
N GLY A 244 -6.74 15.22 -8.00
CA GLY A 244 -6.64 16.60 -8.51
C GLY A 244 -5.23 17.15 -8.47
N HIS A 245 -5.11 18.46 -8.70
CA HIS A 245 -3.84 19.15 -8.65
C HIS A 245 -3.44 19.27 -7.18
N ASN A 246 -2.15 19.26 -6.93
CA ASN A 246 -1.65 19.50 -5.57
C ASN A 246 -2.11 18.39 -4.62
N TYR A 247 -2.15 17.17 -5.15
CA TYR A 247 -2.50 16.01 -4.35
C TYR A 247 -1.39 15.75 -3.35
N GLY A 248 -1.71 14.94 -2.36
CA GLY A 248 -0.68 14.47 -1.42
C GLY A 248 -1.08 13.22 -0.67
N GLY A 249 -0.32 12.87 0.36
CA GLY A 249 -0.68 11.72 1.18
C GLY A 249 0.17 11.61 2.43
N LEU A 250 -0.22 10.70 3.30
CA LEU A 250 0.51 10.47 4.51
C LEU A 250 0.34 9.02 4.92
N GLY A 251 1.45 8.44 5.37
CA GLY A 251 1.47 7.08 5.93
C GLY A 251 2.69 6.36 5.41
N PRO A 252 3.24 5.47 6.25
CA PRO A 252 2.79 5.26 7.63
C PRO A 252 3.26 6.32 8.63
N ILE A 253 2.83 6.13 9.87
CA ILE A 253 3.17 6.98 11.00
C ILE A 253 3.32 6.09 12.25
N GLY A 254 4.35 6.35 13.04
CA GLY A 254 4.54 5.62 14.27
C GLY A 254 5.36 6.35 15.31
N ILE A 255 5.07 6.00 16.56
CA ILE A 255 5.70 6.47 17.79
C ILE A 255 6.22 5.27 18.58
N ASP A 256 7.42 5.41 19.12
CA ASP A 256 8.06 4.44 19.99
C ASP A 256 7.04 4.00 21.04
N LYS A 257 6.92 2.70 21.29
CA LYS A 257 5.84 2.24 22.19
C LYS A 257 5.84 2.94 23.55
N THR A 258 7.02 3.21 24.12
CA THR A 258 7.11 3.78 25.47
C THR A 258 6.63 5.23 25.54
N TYR A 259 6.37 5.86 24.39
CA TYR A 259 5.89 7.26 24.36
C TYR A 259 4.45 7.37 23.89
N ARG A 260 3.77 6.23 23.73
CA ARG A 260 2.44 6.28 23.18
C ARG A 260 1.44 6.89 24.15
N LYS A 261 0.28 7.26 23.63
CA LYS A 261 -0.79 7.77 24.46
C LYS A 261 -0.40 8.94 25.40
N GLN A 262 0.58 9.74 24.99
CA GLN A 262 0.82 11.04 25.60
C GLN A 262 0.60 12.19 24.63
N GLY A 263 -0.11 12.02 23.52
CA GLY A 263 -0.38 13.17 22.63
C GLY A 263 0.69 13.45 21.58
N LEU A 264 1.71 12.61 21.55
CA LEU A 264 2.82 12.81 20.67
C LEU A 264 2.53 12.37 19.24
N GLY A 265 1.73 11.33 19.07
CA GLY A 265 1.29 10.93 17.71
C GLY A 265 0.45 12.03 17.11
N ARG A 266 -0.40 12.60 17.95
CA ARG A 266 -1.20 13.72 17.50
C ARG A 266 -0.34 14.92 17.09
N LEU A 267 0.71 15.19 17.87
CA LEU A 267 1.60 16.29 17.57
C LEU A 267 2.34 16.03 16.23
N LEU A 268 2.86 14.82 16.04
CA LEU A 268 3.54 14.45 14.81
C LEU A 268 2.59 14.58 13.60
N LEU A 269 1.35 14.15 13.80
CA LEU A 269 0.37 14.18 12.72
C LEU A 269 0.06 15.62 12.39
N TYR A 270 -0.25 16.40 13.43
CA TYR A 270 -0.41 17.84 13.23
C TYR A 270 0.74 18.47 12.42
N GLU A 271 1.96 18.28 12.88
CA GLU A 271 3.08 18.90 12.20
C GLU A 271 3.26 18.42 10.75
N SER A 272 3.01 17.13 10.54
CA SER A 272 3.18 16.54 9.20
C SER A 272 2.18 17.18 8.25
N LEU A 273 0.98 17.36 8.78
CA LEU A 273 -0.08 17.95 7.96
C LEU A 273 0.20 19.44 7.71
N GLN A 274 0.75 20.18 8.68
CA GLN A 274 1.12 21.59 8.43
C GLN A 274 2.16 21.75 7.33
N ILE A 275 3.16 20.88 7.37
CA ILE A 275 4.16 20.81 6.29
C ILE A 275 3.48 20.63 4.92
N LEU A 276 2.51 19.71 4.86
CA LEU A 276 1.83 19.46 3.58
C LEU A 276 1.04 20.66 3.14
N LYS A 277 0.32 21.25 4.08
CA LYS A 277 -0.46 22.45 3.86
C LYS A 277 0.48 23.55 3.29
N LYS A 278 1.63 23.73 3.94
CA LYS A 278 2.61 24.73 3.50
C LYS A 278 3.16 24.42 2.15
N ARG A 279 3.21 23.14 1.80
CA ARG A 279 3.51 22.74 0.43
C ARG A 279 2.37 22.85 -0.55
N GLU A 280 1.31 23.56 -0.14
CA GLU A 280 0.10 23.80 -0.95
C GLU A 280 -0.70 22.54 -1.33
N VAL A 281 -0.57 21.46 -0.58
CA VAL A 281 -1.33 20.23 -0.83
C VAL A 281 -2.80 20.51 -0.57
N LYS A 282 -3.66 19.88 -1.36
CA LYS A 282 -5.10 19.98 -1.17
C LYS A 282 -5.68 18.64 -0.78
N LYS A 283 -6.21 17.86 -1.72
CA LYS A 283 -6.67 16.51 -1.37
C LYS A 283 -5.51 15.58 -1.14
N MET A 284 -5.63 14.79 -0.08
CA MET A 284 -4.61 13.81 0.24
C MET A 284 -5.21 12.62 0.97
N VAL A 285 -4.47 11.51 0.91
CA VAL A 285 -5.00 10.23 1.33
C VAL A 285 -4.08 9.65 2.39
N ILE A 286 -4.69 8.95 3.34
CA ILE A 286 -4.01 8.14 4.35
C ILE A 286 -4.42 6.70 4.15
N ASP A 287 -3.48 5.87 3.73
CA ASP A 287 -3.78 4.55 3.19
C ASP A 287 -3.85 3.46 4.27
N TRP A 288 -4.62 2.40 4.00
CA TRP A 288 -4.59 1.17 4.76
C TRP A 288 -4.55 1.39 6.28
N THR A 289 -5.67 1.93 6.80
CA THR A 289 -5.88 2.18 8.21
C THR A 289 -6.88 1.13 8.75
N GLU A 290 -6.76 0.82 10.04
CA GLU A 290 -7.73 -0.04 10.70
C GLU A 290 -8.87 0.78 11.29
N LYS A 291 -10.00 0.14 11.49
CA LYS A 291 -11.18 0.84 12.01
C LYS A 291 -10.93 1.64 13.29
N ASP A 292 -10.25 0.99 14.23
CA ASP A 292 -10.00 1.50 15.58
C ASP A 292 -9.18 2.76 15.58
N ILE A 293 -8.43 3.03 14.52
CA ILE A 293 -7.59 4.22 14.45
C ILE A 293 -8.19 5.33 13.61
N ILE A 294 -9.35 5.10 13.00
CA ILE A 294 -9.89 6.11 12.06
C ILE A 294 -10.06 7.47 12.74
N ASN A 295 -10.61 7.46 13.95
CA ASN A 295 -10.88 8.70 14.73
C ASN A 295 -9.64 9.56 14.98
N PHE A 296 -8.50 8.91 15.09
CA PHE A 296 -7.20 9.61 15.22
C PHE A 296 -6.98 10.58 14.07
N TYR A 297 -7.27 10.12 12.86
CA TYR A 297 -7.15 10.98 11.71
C TYR A 297 -8.39 11.83 11.52
N GLY A 298 -9.53 11.30 11.93
CA GLY A 298 -10.79 12.04 11.75
C GLY A 298 -10.89 13.36 12.48
N ARG A 299 -10.17 13.48 13.59
CA ARG A 299 -10.03 14.80 14.25
C ARG A 299 -9.43 15.86 13.33
N PHE A 300 -8.63 15.40 12.37
CA PHE A 300 -8.11 16.31 11.36
C PHE A 300 -8.90 16.33 10.05
N ASN A 301 -10.15 15.88 10.11
CA ASN A 301 -11.10 15.98 9.03
C ASN A 301 -10.96 14.93 7.95
N PHE A 302 -10.26 13.86 8.23
CA PHE A 302 -10.13 12.76 7.26
C PHE A 302 -11.34 11.86 7.43
N MET A 303 -11.76 11.26 6.32
CA MET A 303 -12.94 10.40 6.25
C MET A 303 -12.56 9.17 5.47
N PRO A 304 -13.10 8.01 5.85
CA PRO A 304 -13.00 6.85 4.97
C PRO A 304 -13.44 7.09 3.57
N TRP A 305 -12.62 6.57 2.64
CA TRP A 305 -12.75 6.84 1.26
C TRP A 305 -12.90 5.51 0.47
N LYS A 306 -12.00 4.57 0.71
CA LYS A 306 -12.06 3.26 0.10
C LYS A 306 -11.94 2.23 1.20
N ALA A 307 -12.54 1.06 0.98
CA ALA A 307 -12.49 0.00 1.96
C ALA A 307 -12.03 -1.29 1.26
N TYR A 308 -11.30 -2.11 1.99
CA TYR A 308 -10.75 -3.32 1.44
C TYR A 308 -10.97 -4.41 2.45
N ARG A 309 -11.37 -5.59 1.95
CA ARG A 309 -11.59 -6.76 2.82
C ARG A 309 -10.40 -7.73 2.78
N LYS A 310 -9.86 -8.02 3.95
CA LYS A 310 -8.85 -9.05 4.13
C LYS A 310 -9.51 -10.39 3.82
N ALA A 311 -8.79 -11.26 3.13
CA ALA A 311 -9.30 -12.55 2.75
C ALA A 311 -8.12 -13.51 2.58
N THR A 312 -8.29 -14.73 3.09
CA THR A 312 -7.20 -15.69 3.29
C THR A 312 -7.75 -17.07 2.93
N LYS A 313 -6.99 -17.85 2.18
CA LYS A 313 -7.32 -19.22 1.90
C LYS A 313 -6.22 -20.10 2.52
N GLU A 314 -6.63 -21.02 3.39
CA GLU A 314 -5.76 -22.04 3.98
C GLU A 314 -5.79 -23.27 3.12
N VAL A 315 -4.63 -23.64 2.61
CA VAL A 315 -4.48 -24.77 1.70
C VAL A 315 -4.65 -26.04 2.51
N LYS A 316 -5.49 -26.95 2.02
CA LYS A 316 -5.86 -28.18 2.75
C LYS A 316 -4.67 -29.13 2.89
#